data_6EJ3
#
_entry.id   6EJ3
#
_cell.length_a   102.889
_cell.length_b   102.889
_cell.length_c   170.110
_cell.angle_alpha   90.00
_cell.angle_beta   90.00
_cell.angle_gamma   120.00
#
_symmetry.space_group_name_H-M   'P 61 2 2'
#
loop_
_entity.id
_entity.type
_entity.pdbx_description
1 polymer 'Beta-secretase 1'
2 non-polymer "(1r,4r)-4-methoxy-6'-(5-methyl-3-pyridinyl)-3'H-dispiro[cyclohexane-1,2'-indene-1',4''-[1,3]oxazol]-2''-amine"
3 water water
#
_entity_poly.entity_id   1
_entity_poly.type   'polypeptide(L)'
_entity_poly.pdbx_seq_one_letter_code
;MAQALPWLLLWMGAGVLPAHGTQHGIRLPLRSGLGGAPLGLRLPRETDEEPEEPGRRGSFVEMVDNLRGKSGQGYYVEMT
VGSPPQTLNILVDTGSSNFAVGAAPHPFLHRYYQRQLSSTYRDLRKGVYVPYTQGKWEGELGTDLVSIPHGPNVTVRANI
AAITESDKFFINGSNWEGILGLAYAEIARPDDSLEPFFDSLVKQTHVPNLFSLQLCGAGFPLNQSEVLASVGGSMIIGGI
DHSLYTGSLWYTPIRREWYYEVIIVRVEINGQDLKMDCKEYNYDKSIVDSGTTNLRLPKKVFEAAVKSIKAASSTEKFPD
GFWLGEQLVCWQAGTTPWNIFPVISLYLMGEVTNQSFRITILPQQYLRPVEDVATSQDDCYKFAISQSSTGTVMGAVIME
GFYVVFDRARKRIGFAVSACHVHDEFRTAAVEGPFVTLDMEDCGYNIPQTDESTLMTIAYVMAAICALFMLPLCLMVCQW
RCLRCLRQQHDDFADDISLLK
;
_entity_poly.pdbx_strand_id   A
#
# COMPACT_ATOMS: atom_id res chain seq x y z
N GLU A 62 -13.51 -11.49 -13.43
CA GLU A 62 -12.35 -12.24 -13.92
C GLU A 62 -11.06 -11.85 -13.21
N MET A 63 -11.00 -10.59 -12.86
CA MET A 63 -9.96 -9.95 -12.05
C MET A 63 -10.33 -9.89 -10.57
N VAL A 64 -11.63 -10.06 -10.24
CA VAL A 64 -12.11 -10.06 -8.86
C VAL A 64 -11.48 -11.26 -8.12
N ASP A 65 -10.96 -11.03 -6.89
CA ASP A 65 -10.31 -12.05 -6.04
C ASP A 65 -9.01 -12.62 -6.65
N ASN A 66 -8.26 -11.81 -7.41
CA ASN A 66 -7.00 -12.23 -8.01
C ASN A 66 -5.81 -11.99 -7.06
N LEU A 67 -6.09 -11.52 -5.85
CA LEU A 67 -5.06 -11.28 -4.85
C LEU A 67 -5.20 -12.23 -3.71
N ARG A 68 -4.08 -12.74 -3.24
CA ARG A 68 -4.01 -13.62 -2.08
C ARG A 68 -2.96 -13.06 -1.15
N GLY A 69 -2.94 -13.55 0.07
CA GLY A 69 -1.96 -13.12 1.04
C GLY A 69 -2.07 -13.77 2.40
N LYS A 70 -1.19 -13.33 3.28
CA LYS A 70 -1.10 -13.73 4.68
C LYS A 70 -0.91 -12.42 5.46
N SER A 71 -1.59 -12.30 6.63
CA SER A 71 -1.55 -11.13 7.52
C SER A 71 -0.12 -10.68 7.80
N GLY A 72 0.17 -9.42 7.44
CA GLY A 72 1.47 -8.79 7.62
C GLY A 72 2.53 -9.21 6.61
N GLN A 73 2.16 -10.07 5.65
CA GLN A 73 3.07 -10.55 4.61
C GLN A 73 2.72 -9.98 3.23
N GLY A 74 1.75 -9.07 3.19
CA GLY A 74 1.34 -8.41 1.95
C GLY A 74 0.40 -9.20 1.06
N TYR A 75 0.11 -8.63 -0.10
CA TYR A 75 -0.82 -9.20 -1.08
C TYR A 75 -0.07 -9.47 -2.37
N TYR A 76 -0.29 -10.65 -2.95
CA TYR A 76 0.37 -11.05 -4.19
C TYR A 76 -0.61 -11.43 -5.29
N VAL A 77 -0.16 -11.24 -6.54
CA VAL A 77 -0.91 -11.58 -7.76
C VAL A 77 -0.12 -12.67 -8.49
N GLU A 78 -0.83 -13.56 -9.21
CA GLU A 78 -0.16 -14.58 -10.01
C GLU A 78 0.26 -13.93 -11.34
N MET A 79 1.51 -14.15 -11.73
CA MET A 79 2.07 -13.61 -12.97
C MET A 79 2.82 -14.70 -13.72
N THR A 80 2.94 -14.54 -15.02
CA THR A 80 3.74 -15.44 -15.84
C THR A 80 4.84 -14.62 -16.48
N VAL A 81 6.05 -15.19 -16.55
CA VAL A 81 7.20 -14.56 -17.16
C VAL A 81 7.88 -15.53 -18.13
N GLY A 82 8.31 -15.00 -19.28
CA GLY A 82 9.04 -15.77 -20.28
C GLY A 82 8.24 -16.66 -21.20
N SER A 83 8.98 -17.36 -22.09
CA SER A 83 8.45 -18.27 -23.11
C SER A 83 9.23 -19.60 -23.12
N PRO A 84 8.61 -20.74 -22.72
CA PRO A 84 7.24 -20.92 -22.23
C PRO A 84 6.97 -20.20 -20.88
N PRO A 85 5.71 -19.88 -20.55
CA PRO A 85 5.45 -19.12 -19.31
C PRO A 85 5.82 -19.82 -18.01
N GLN A 86 6.47 -19.07 -17.14
CA GLN A 86 6.87 -19.55 -15.82
C GLN A 86 5.98 -18.79 -14.85
N THR A 87 5.18 -19.52 -14.08
CA THR A 87 4.25 -18.95 -13.11
C THR A 87 4.97 -18.52 -11.83
N LEU A 88 4.68 -17.30 -11.33
CA LEU A 88 5.25 -16.75 -10.09
C LEU A 88 4.23 -15.92 -9.32
N ASN A 89 4.30 -15.99 -7.99
CA ASN A 89 3.45 -15.17 -7.12
C ASN A 89 4.21 -13.92 -6.78
N ILE A 90 3.64 -12.78 -7.14
CA ILE A 90 4.31 -11.49 -7.05
C ILE A 90 3.57 -10.50 -6.17
N LEU A 91 4.30 -9.98 -5.18
CA LEU A 91 3.79 -9.00 -4.22
C LEU A 91 3.45 -7.67 -4.92
N VAL A 92 2.24 -7.16 -4.67
CA VAL A 92 1.73 -5.90 -5.22
C VAL A 92 2.19 -4.74 -4.32
N ASP A 93 3.00 -3.85 -4.88
CA ASP A 93 3.58 -2.76 -4.12
C ASP A 93 3.44 -1.38 -4.77
N THR A 94 2.56 -0.53 -4.21
CA THR A 94 2.38 0.83 -4.75
C THR A 94 3.45 1.81 -4.28
N GLY A 95 4.34 1.36 -3.41
CA GLY A 95 5.43 2.19 -2.89
C GLY A 95 6.80 1.99 -3.49
N SER A 96 6.89 1.29 -4.63
CA SER A 96 8.19 1.06 -5.30
C SER A 96 7.92 0.94 -6.81
N SER A 97 8.97 0.89 -7.67
CA SER A 97 8.75 0.92 -9.11
C SER A 97 9.50 -0.12 -9.96
N ASN A 98 10.10 -1.11 -9.34
CA ASN A 98 10.78 -2.16 -10.07
C ASN A 98 9.97 -3.42 -10.06
N PHE A 99 10.09 -4.18 -11.14
CA PHE A 99 9.58 -5.53 -11.24
C PHE A 99 10.85 -6.38 -10.99
N ALA A 100 10.99 -6.90 -9.76
CA ALA A 100 12.16 -7.67 -9.30
C ALA A 100 11.74 -9.06 -8.82
N VAL A 101 12.30 -10.12 -9.44
CA VAL A 101 11.90 -11.49 -9.11
C VAL A 101 13.09 -12.38 -8.70
N GLY A 102 12.84 -13.32 -7.80
CA GLY A 102 13.82 -14.31 -7.39
C GLY A 102 14.23 -15.12 -8.60
N ALA A 103 15.54 -15.21 -8.84
CA ALA A 103 16.08 -15.86 -10.01
C ALA A 103 17.10 -16.93 -9.65
N ALA A 104 17.19 -17.25 -8.37
CA ALA A 104 18.13 -18.23 -7.83
C ALA A 104 17.46 -19.04 -6.72
N PRO A 105 17.93 -20.28 -6.45
CA PRO A 105 17.28 -21.11 -5.39
C PRO A 105 17.55 -20.71 -3.94
N HIS A 106 17.04 -19.55 -3.54
CA HIS A 106 17.06 -19.09 -2.17
C HIS A 106 16.16 -20.09 -1.39
N PRO A 107 16.60 -20.63 -0.21
CA PRO A 107 15.80 -21.66 0.50
C PRO A 107 14.35 -21.29 0.87
N PHE A 108 14.05 -20.00 1.07
CA PHE A 108 12.67 -19.59 1.40
C PHE A 108 11.74 -19.57 0.18
N LEU A 109 12.28 -19.73 -1.04
CA LEU A 109 11.52 -19.65 -2.29
C LEU A 109 10.85 -20.95 -2.74
N HIS A 110 9.57 -20.86 -3.12
CA HIS A 110 8.78 -21.98 -3.64
C HIS A 110 9.17 -22.26 -5.07
N ARG A 111 9.45 -21.19 -5.81
CA ARG A 111 9.85 -21.21 -7.22
C ARG A 111 10.60 -19.93 -7.51
N TYR A 112 11.26 -19.88 -8.66
CA TYR A 112 12.05 -18.74 -9.09
C TYR A 112 12.14 -18.74 -10.61
N TYR A 113 12.43 -17.58 -11.17
CA TYR A 113 12.57 -17.32 -12.60
C TYR A 113 13.88 -17.91 -13.10
N GLN A 114 13.80 -18.84 -14.08
CA GLN A 114 14.96 -19.49 -14.68
C GLN A 114 15.10 -18.91 -16.08
N ARG A 115 16.01 -17.91 -16.22
CA ARG A 115 16.25 -17.20 -17.48
C ARG A 115 16.70 -18.10 -18.63
N GLN A 116 17.49 -19.16 -18.33
CA GLN A 116 18.01 -20.10 -19.35
C GLN A 116 16.89 -20.91 -20.05
N LEU A 117 15.71 -20.97 -19.41
CA LEU A 117 14.54 -21.70 -19.93
C LEU A 117 13.62 -20.83 -20.79
N SER A 118 13.90 -19.53 -20.91
CA SER A 118 13.09 -18.61 -21.69
C SER A 118 13.76 -18.16 -23.01
N SER A 119 13.11 -18.47 -24.15
CA SER A 119 13.62 -18.10 -25.48
C SER A 119 13.42 -16.61 -25.78
N THR A 120 12.54 -15.93 -25.01
CA THR A 120 12.24 -14.51 -25.21
C THR A 120 13.00 -13.58 -24.22
N TYR A 121 13.85 -14.16 -23.37
CA TYR A 121 14.65 -13.38 -22.42
C TYR A 121 15.76 -12.61 -23.16
N ARG A 122 15.99 -11.36 -22.75
CA ARG A 122 17.03 -10.49 -23.31
C ARG A 122 17.77 -9.82 -22.16
N ASP A 123 19.10 -9.97 -22.14
CA ASP A 123 19.97 -9.40 -21.12
C ASP A 123 20.22 -7.92 -21.41
N LEU A 124 20.10 -7.07 -20.39
CA LEU A 124 20.38 -5.64 -20.53
C LEU A 124 21.86 -5.33 -20.24
N ARG A 125 22.59 -6.34 -19.71
CA ARG A 125 24.02 -6.29 -19.33
C ARG A 125 24.29 -5.15 -18.31
N LYS A 126 23.37 -5.05 -17.34
CA LYS A 126 23.41 -4.04 -16.28
C LYS A 126 23.00 -4.66 -14.94
N GLY A 127 23.78 -4.36 -13.91
CA GLY A 127 23.53 -4.77 -12.54
C GLY A 127 22.71 -3.70 -11.83
N VAL A 128 22.06 -4.09 -10.72
CA VAL A 128 21.27 -3.19 -9.88
C VAL A 128 21.50 -3.59 -8.41
N TYR A 129 21.93 -2.64 -7.57
CA TYR A 129 22.18 -2.90 -6.15
C TYR A 129 21.24 -2.01 -5.36
N VAL A 130 20.41 -2.61 -4.50
CA VAL A 130 19.38 -1.83 -3.82
C VAL A 130 19.36 -2.03 -2.30
N PRO A 131 20.01 -1.13 -1.56
CA PRO A 131 19.88 -1.18 -0.11
C PRO A 131 18.60 -0.39 0.25
N TYR A 132 17.98 -0.75 1.35
CA TYR A 132 16.80 -0.11 1.81
C TYR A 132 16.78 -0.28 3.31
N THR A 133 15.87 0.37 3.98
CA THR A 133 16.02 0.61 5.40
C THR A 133 16.16 -0.70 6.11
N GLN A 134 15.35 -1.63 5.66
CA GLN A 134 15.13 -2.92 6.29
C GLN A 134 15.90 -4.08 5.68
N GLY A 135 16.75 -3.82 4.71
CA GLY A 135 17.36 -4.92 4.00
C GLY A 135 18.06 -4.58 2.73
N LYS A 136 18.33 -5.58 1.93
CA LYS A 136 18.95 -5.32 0.62
C LYS A 136 18.65 -6.37 -0.45
N TRP A 137 18.65 -5.95 -1.72
CA TRP A 137 18.53 -6.85 -2.86
C TRP A 137 19.44 -6.40 -4.00
N GLU A 138 19.96 -7.36 -4.72
CA GLU A 138 20.86 -7.14 -5.83
C GLU A 138 20.40 -8.02 -6.98
N GLY A 139 20.42 -7.46 -8.17
CA GLY A 139 19.96 -8.20 -9.33
C GLY A 139 20.66 -7.87 -10.62
N GLU A 140 20.28 -8.62 -11.66
CA GLU A 140 20.76 -8.44 -13.02
C GLU A 140 19.55 -7.99 -13.84
N LEU A 141 19.70 -6.92 -14.63
CA LEU A 141 18.59 -6.38 -15.43
C LEU A 141 18.48 -7.05 -16.78
N GLY A 142 17.25 -7.27 -17.19
CA GLY A 142 16.90 -7.85 -18.48
C GLY A 142 15.45 -7.56 -18.81
N THR A 143 15.00 -7.99 -20.01
CA THR A 143 13.61 -7.84 -20.42
C THR A 143 13.07 -9.22 -20.78
N ASP A 144 11.76 -9.39 -20.64
CA ASP A 144 11.06 -10.62 -21.03
C ASP A 144 9.56 -10.36 -21.21
N LEU A 145 8.85 -11.36 -21.75
CA LEU A 145 7.42 -11.31 -21.95
C LEU A 145 6.70 -11.63 -20.65
N VAL A 146 5.75 -10.76 -20.26
CA VAL A 146 5.04 -10.87 -18.99
C VAL A 146 3.54 -10.82 -19.20
N SER A 147 2.81 -11.63 -18.46
CA SER A 147 1.35 -11.61 -18.47
C SER A 147 0.80 -11.89 -17.06
N ILE A 148 -0.45 -11.49 -16.84
CA ILE A 148 -1.19 -11.64 -15.60
C ILE A 148 -2.39 -12.52 -15.96
N PRO A 149 -2.33 -13.85 -15.64
CA PRO A 149 -3.45 -14.75 -16.00
C PRO A 149 -4.83 -14.23 -15.57
N HIS A 150 -4.95 -13.75 -14.31
CA HIS A 150 -6.22 -13.21 -13.77
C HIS A 150 -6.28 -11.66 -13.84
N GLY A 151 -5.77 -11.13 -14.95
CA GLY A 151 -5.72 -9.70 -15.28
C GLY A 151 -6.17 -9.49 -16.72
N PRO A 152 -5.71 -8.45 -17.43
CA PRO A 152 -6.13 -8.30 -18.85
C PRO A 152 -5.47 -9.32 -19.80
N ASN A 153 -6.18 -9.72 -20.86
CA ASN A 153 -5.70 -10.69 -21.86
C ASN A 153 -4.63 -10.04 -22.77
N VAL A 154 -3.45 -9.75 -22.21
CA VAL A 154 -2.33 -9.07 -22.88
C VAL A 154 -0.96 -9.64 -22.46
N THR A 155 0.06 -9.41 -23.30
CA THR A 155 1.45 -9.81 -23.05
C THR A 155 2.34 -8.62 -23.36
N VAL A 156 3.18 -8.20 -22.39
CA VAL A 156 4.09 -7.07 -22.61
C VAL A 156 5.54 -7.46 -22.44
N ARG A 157 6.43 -6.71 -23.09
CA ARG A 157 7.85 -6.88 -22.88
C ARG A 157 8.18 -5.89 -21.76
N ALA A 158 8.57 -6.43 -20.59
CA ALA A 158 8.87 -5.60 -19.44
C ALA A 158 10.27 -5.82 -18.92
N ASN A 159 10.79 -4.81 -18.23
CA ASN A 159 12.05 -4.84 -17.52
C ASN A 159 11.89 -5.74 -16.31
N ILE A 160 12.80 -6.69 -16.13
CA ILE A 160 12.76 -7.60 -14.99
C ILE A 160 14.12 -7.54 -14.30
N ALA A 161 14.11 -7.40 -12.98
CA ALA A 161 15.35 -7.44 -12.25
C ALA A 161 15.40 -8.86 -11.69
N ALA A 162 16.38 -9.65 -12.17
CA ALA A 162 16.58 -11.02 -11.70
C ALA A 162 17.38 -10.95 -10.39
N ILE A 163 16.75 -11.27 -9.26
CA ILE A 163 17.40 -11.24 -7.93
C ILE A 163 18.35 -12.43 -7.79
N THR A 164 19.62 -12.11 -7.55
CA THR A 164 20.71 -13.07 -7.47
C THR A 164 21.31 -13.11 -6.07
N GLU A 165 21.13 -12.04 -5.29
CA GLU A 165 21.59 -11.89 -3.92
C GLU A 165 20.64 -10.97 -3.15
N SER A 166 20.34 -11.33 -1.90
CA SER A 166 19.42 -10.55 -1.08
C SER A 166 19.65 -10.75 0.42
N ASP A 167 19.07 -9.85 1.23
CA ASP A 167 19.14 -9.95 2.68
C ASP A 167 17.88 -9.36 3.26
N LYS A 168 17.12 -10.17 4.04
CA LYS A 168 15.85 -9.77 4.69
C LYS A 168 14.81 -9.26 3.67
N PHE A 169 14.92 -9.77 2.44
CA PHE A 169 14.04 -9.45 1.32
C PHE A 169 12.88 -10.46 1.25
N PHE A 170 13.21 -11.74 1.09
CA PHE A 170 12.20 -12.81 1.03
C PHE A 170 11.79 -13.20 2.45
N ILE A 171 10.56 -13.69 2.64
CA ILE A 171 10.08 -14.06 3.98
C ILE A 171 10.02 -15.57 4.10
N ASN A 172 10.52 -16.11 5.24
CA ASN A 172 10.46 -17.54 5.55
C ASN A 172 9.01 -17.92 5.83
N GLY A 173 8.42 -18.75 4.97
CA GLY A 173 7.03 -19.17 5.09
C GLY A 173 6.06 -18.40 4.19
N SER A 174 6.56 -17.41 3.41
CA SER A 174 5.69 -16.64 2.50
C SER A 174 5.49 -17.36 1.16
N ASN A 175 4.44 -17.02 0.43
CA ASN A 175 4.15 -17.65 -0.87
C ASN A 175 4.45 -16.75 -2.09
N TRP A 176 5.20 -15.64 -1.92
CA TRP A 176 5.59 -14.78 -3.04
C TRP A 176 7.11 -14.87 -3.29
N GLU A 177 7.52 -14.68 -4.54
CA GLU A 177 8.89 -14.85 -5.03
C GLU A 177 9.41 -13.59 -5.76
N GLY A 178 8.63 -12.53 -5.74
CA GLY A 178 8.96 -11.28 -6.42
C GLY A 178 8.06 -10.14 -6.02
N ILE A 179 8.40 -8.94 -6.50
CA ILE A 179 7.71 -7.67 -6.20
C ILE A 179 7.40 -6.93 -7.47
N LEU A 180 6.15 -6.48 -7.60
CA LEU A 180 5.69 -5.66 -8.71
C LEU A 180 5.52 -4.23 -8.18
N GLY A 181 6.45 -3.38 -8.57
CA GLY A 181 6.44 -1.98 -8.21
C GLY A 181 5.51 -1.22 -9.13
N LEU A 182 4.40 -0.69 -8.59
CA LEU A 182 3.38 0.00 -9.37
C LEU A 182 3.48 1.51 -9.36
N ALA A 183 4.50 2.10 -8.70
CA ALA A 183 4.71 3.56 -8.69
C ALA A 183 5.43 4.07 -9.97
N TYR A 184 5.86 5.35 -9.98
CA TYR A 184 6.46 6.01 -11.15
C TYR A 184 7.98 5.84 -11.31
N ALA A 185 8.45 6.04 -12.56
CA ALA A 185 9.84 5.95 -13.02
C ALA A 185 10.86 6.67 -12.15
N GLU A 186 10.51 7.85 -11.60
CA GLU A 186 11.39 8.68 -10.76
C GLU A 186 12.06 7.90 -9.61
N ILE A 187 11.33 6.94 -9.05
CA ILE A 187 11.86 6.13 -7.98
C ILE A 187 12.33 4.74 -8.40
N ALA A 188 12.35 4.44 -9.69
CA ALA A 188 12.89 3.19 -10.17
C ALA A 188 14.39 3.10 -9.92
N ARG A 189 14.90 1.90 -9.75
CA ARG A 189 16.32 1.67 -9.58
C ARG A 189 16.85 0.91 -10.78
N PRO A 190 18.09 1.21 -11.34
CA PRO A 190 18.90 2.23 -10.65
C PRO A 190 18.62 3.69 -10.99
N ASP A 191 17.80 3.96 -11.98
CA ASP A 191 17.37 5.32 -12.35
C ASP A 191 16.02 5.32 -13.08
N ASP A 192 15.50 6.53 -13.40
CA ASP A 192 14.21 6.74 -14.06
C ASP A 192 14.19 6.30 -15.54
N SER A 193 15.36 5.92 -16.11
CA SER A 193 15.44 5.43 -17.48
C SER A 193 14.89 3.99 -17.56
N LEU A 194 14.83 3.26 -16.41
CA LEU A 194 14.27 1.91 -16.35
C LEU A 194 12.76 1.98 -16.17
N GLU A 195 12.06 1.86 -17.29
CA GLU A 195 10.61 1.93 -17.40
C GLU A 195 9.87 0.88 -16.53
N PRO A 196 9.02 1.35 -15.57
CA PRO A 196 8.24 0.42 -14.73
C PRO A 196 7.21 -0.40 -15.51
N PHE A 197 6.80 -1.55 -14.95
CA PHE A 197 5.87 -2.48 -15.58
C PHE A 197 4.59 -1.82 -16.09
N PHE A 198 3.86 -1.06 -15.23
CA PHE A 198 2.60 -0.39 -15.59
C PHE A 198 2.74 0.57 -16.76
N ASP A 199 3.86 1.31 -16.81
CA ASP A 199 4.20 2.21 -17.92
C ASP A 199 4.39 1.42 -19.23
N SER A 200 5.06 0.25 -19.15
CA SER A 200 5.28 -0.63 -20.29
C SER A 200 3.93 -1.19 -20.77
N LEU A 201 3.08 -1.60 -19.81
CA LEU A 201 1.76 -2.15 -20.07
C LEU A 201 0.87 -1.13 -20.81
N VAL A 202 0.90 0.12 -20.38
CA VAL A 202 0.12 1.21 -20.96
C VAL A 202 0.66 1.58 -22.37
N LYS A 203 2.00 1.62 -22.54
CA LYS A 203 2.62 1.94 -23.84
C LYS A 203 2.38 0.89 -24.93
N GLN A 204 2.39 -0.40 -24.56
CA GLN A 204 2.27 -1.52 -25.49
C GLN A 204 0.85 -2.03 -25.74
N THR A 205 -0.10 -1.69 -24.87
CA THR A 205 -1.48 -2.17 -25.05
C THR A 205 -2.50 -1.03 -25.00
N HIS A 206 -3.78 -1.37 -25.15
CA HIS A 206 -4.87 -0.40 -25.07
C HIS A 206 -5.46 -0.35 -23.65
N VAL A 207 -4.82 -1.07 -22.68
CA VAL A 207 -5.23 -1.08 -21.26
C VAL A 207 -5.23 0.39 -20.76
N PRO A 208 -6.36 0.93 -20.23
CA PRO A 208 -6.36 2.32 -19.74
C PRO A 208 -5.38 2.54 -18.59
N ASN A 209 -4.77 3.74 -18.52
CA ASN A 209 -3.75 4.15 -17.54
C ASN A 209 -4.37 4.33 -16.12
N LEU A 210 -4.87 3.22 -15.56
CA LEU A 210 -5.60 3.19 -14.29
C LEU A 210 -5.59 1.78 -13.75
N PHE A 211 -5.53 1.65 -12.42
CA PHE A 211 -5.67 0.38 -11.73
C PHE A 211 -6.29 0.66 -10.39
N SER A 212 -6.98 -0.32 -9.84
CA SER A 212 -7.59 -0.13 -8.54
C SER A 212 -7.34 -1.31 -7.67
N LEU A 213 -7.28 -1.06 -6.36
CA LEU A 213 -7.02 -2.10 -5.36
C LEU A 213 -8.07 -2.22 -4.27
N GLN A 214 -8.49 -3.46 -4.02
CA GLN A 214 -9.39 -3.80 -2.95
C GLN A 214 -8.70 -4.82 -2.08
N LEU A 215 -8.03 -4.38 -0.99
CA LEU A 215 -7.35 -5.30 -0.09
C LEU A 215 -8.29 -5.71 1.06
N CYS A 216 -8.59 -7.00 1.19
CA CYS A 216 -9.50 -7.47 2.23
C CYS A 216 -8.74 -8.09 3.41
N GLY A 217 -8.88 -7.49 4.58
CA GLY A 217 -8.28 -7.98 5.82
C GLY A 217 -8.96 -9.24 6.31
N ALA A 218 -8.34 -9.92 7.30
CA ALA A 218 -8.84 -11.19 7.84
C ALA A 218 -10.20 -11.05 8.55
N VAL A 231 -5.97 -14.18 3.78
CA VAL A 231 -6.54 -12.95 3.22
C VAL A 231 -6.59 -12.97 1.66
N GLY A 232 -7.44 -12.11 1.10
CA GLY A 232 -7.61 -11.96 -0.33
C GLY A 232 -7.89 -10.52 -0.72
N GLY A 233 -8.21 -10.32 -1.99
CA GLY A 233 -8.53 -9.02 -2.54
C GLY A 233 -8.54 -9.00 -4.06
N SER A 234 -8.61 -7.80 -4.64
CA SER A 234 -8.66 -7.62 -6.08
C SER A 234 -7.77 -6.49 -6.57
N MET A 235 -7.14 -6.71 -7.73
CA MET A 235 -6.41 -5.73 -8.47
C MET A 235 -7.09 -5.65 -9.82
N ILE A 236 -7.79 -4.55 -10.05
CA ILE A 236 -8.48 -4.35 -11.31
C ILE A 236 -7.54 -3.53 -12.16
N ILE A 237 -6.92 -4.15 -13.14
CA ILE A 237 -6.00 -3.49 -14.06
C ILE A 237 -6.78 -2.91 -15.24
N GLY A 238 -6.65 -1.59 -15.39
CA GLY A 238 -7.27 -0.84 -16.48
C GLY A 238 -8.68 -0.38 -16.22
N GLY A 239 -9.14 -0.49 -14.98
CA GLY A 239 -10.49 -0.06 -14.67
C GLY A 239 -10.87 -0.06 -13.22
N ILE A 240 -12.18 0.14 -13.01
CA ILE A 240 -12.89 0.22 -11.75
C ILE A 240 -14.04 -0.79 -11.78
N ASP A 241 -14.17 -1.59 -10.72
CA ASP A 241 -15.27 -2.54 -10.60
C ASP A 241 -16.19 -1.96 -9.52
N HIS A 242 -17.38 -1.49 -9.93
CA HIS A 242 -18.35 -0.81 -9.06
C HIS A 242 -18.93 -1.65 -7.93
N SER A 243 -18.96 -2.98 -8.08
CA SER A 243 -19.47 -3.89 -7.05
C SER A 243 -18.52 -4.00 -5.83
N LEU A 244 -17.26 -3.57 -6.00
CA LEU A 244 -16.26 -3.63 -4.94
C LEU A 244 -16.36 -2.48 -3.92
N TYR A 245 -17.25 -1.51 -4.19
CA TYR A 245 -17.40 -0.39 -3.26
C TYR A 245 -18.84 0.06 -3.10
N THR A 246 -19.12 0.69 -1.95
CA THR A 246 -20.41 1.28 -1.63
C THR A 246 -20.21 2.80 -1.54
N GLY A 247 -21.31 3.54 -1.74
CA GLY A 247 -21.31 5.00 -1.76
C GLY A 247 -20.53 5.56 -2.94
N SER A 248 -19.95 6.75 -2.77
CA SER A 248 -19.20 7.43 -3.83
C SER A 248 -17.70 7.39 -3.65
N LEU A 249 -17.00 7.51 -4.76
CA LEU A 249 -15.56 7.69 -4.84
C LEU A 249 -15.28 9.18 -4.68
N TRP A 250 -14.31 9.51 -3.83
CA TRP A 250 -13.81 10.86 -3.61
C TRP A 250 -12.36 10.85 -4.01
N TYR A 251 -11.96 11.85 -4.79
CA TYR A 251 -10.59 11.93 -5.33
C TYR A 251 -9.72 12.95 -4.66
N THR A 252 -8.44 12.57 -4.48
CA THR A 252 -7.40 13.43 -3.93
C THR A 252 -6.37 13.58 -5.06
N PRO A 253 -5.82 14.78 -5.32
CA PRO A 253 -4.81 14.87 -6.40
C PRO A 253 -3.48 14.21 -6.01
N ILE A 254 -2.82 13.63 -7.03
CA ILE A 254 -1.47 13.10 -6.85
C ILE A 254 -0.58 14.37 -6.92
N ARG A 255 0.08 14.73 -5.79
CA ARG A 255 0.88 15.95 -5.69
C ARG A 255 2.07 15.97 -6.70
N ARG A 256 2.76 14.85 -6.80
CA ARG A 256 3.89 14.65 -7.71
C ARG A 256 3.94 13.17 -8.03
N GLU A 257 4.25 12.85 -9.30
CA GLU A 257 4.39 11.49 -9.80
C GLU A 257 5.81 10.93 -9.52
N TRP A 258 5.98 10.24 -8.39
CA TRP A 258 7.21 9.55 -7.95
C TRP A 258 6.72 8.34 -7.15
N TYR A 259 6.32 8.56 -5.90
CA TYR A 259 5.53 7.64 -5.12
C TYR A 259 4.09 8.12 -5.43
N TYR A 260 3.06 7.51 -4.84
CA TYR A 260 1.70 8.03 -4.97
C TYR A 260 1.52 9.02 -3.83
N GLU A 261 2.12 10.21 -4.00
CA GLU A 261 2.11 11.29 -3.01
C GLU A 261 0.80 12.07 -2.95
N VAL A 262 0.24 12.19 -1.73
CA VAL A 262 -1.02 12.90 -1.44
C VAL A 262 -0.80 13.94 -0.28
N ILE A 263 -1.81 14.79 -0.01
CA ILE A 263 -1.76 15.78 1.06
C ILE A 263 -2.88 15.54 2.09
N ILE A 264 -2.49 15.36 3.36
CA ILE A 264 -3.38 15.26 4.52
C ILE A 264 -3.50 16.68 5.09
N VAL A 265 -4.73 17.17 5.18
CA VAL A 265 -5.01 18.54 5.61
C VAL A 265 -5.53 18.60 7.06
N ARG A 266 -6.00 17.45 7.60
CA ARG A 266 -6.56 17.39 8.96
C ARG A 266 -6.58 15.95 9.49
N VAL A 267 -6.31 15.81 10.79
CA VAL A 267 -6.32 14.52 11.50
C VAL A 267 -7.26 14.63 12.70
N GLU A 268 -8.23 13.71 12.79
CA GLU A 268 -9.18 13.66 13.89
C GLU A 268 -9.17 12.29 14.53
N ILE A 269 -9.22 12.24 15.86
CA ILE A 269 -9.30 10.98 16.61
C ILE A 269 -10.67 11.09 17.30
N ASN A 270 -11.63 10.21 16.92
CA ASN A 270 -13.02 10.19 17.42
C ASN A 270 -13.73 11.56 17.26
N GLY A 271 -13.45 12.23 16.12
CA GLY A 271 -13.99 13.54 15.80
C GLY A 271 -13.23 14.70 16.40
N GLN A 272 -12.16 14.42 17.17
CA GLN A 272 -11.36 15.45 17.81
C GLN A 272 -10.09 15.77 17.04
N ASP A 273 -9.99 17.01 16.54
CA ASP A 273 -8.84 17.49 15.78
C ASP A 273 -7.58 17.49 16.67
N LEU A 274 -6.45 17.12 16.08
CA LEU A 274 -5.16 17.09 16.75
C LEU A 274 -4.59 18.51 16.86
N LYS A 275 -5.17 19.47 16.08
CA LYS A 275 -4.87 20.91 16.05
C LYS A 275 -3.40 21.22 15.76
N MET A 276 -2.75 20.39 14.95
CA MET A 276 -1.36 20.57 14.58
C MET A 276 -1.24 21.35 13.28
N ASP A 277 -0.05 21.96 13.05
CA ASP A 277 0.26 22.63 11.79
C ASP A 277 0.16 21.50 10.75
N CYS A 278 -0.73 21.65 9.77
CA CYS A 278 -0.99 20.61 8.75
C CYS A 278 0.28 20.16 7.99
N LYS A 279 1.35 21.00 7.95
CA LYS A 279 2.65 20.65 7.36
C LYS A 279 3.28 19.44 8.07
N GLU A 280 3.05 19.30 9.41
CA GLU A 280 3.51 18.18 10.24
C GLU A 280 2.95 16.84 9.74
N TYR A 281 1.67 16.82 9.26
CA TYR A 281 1.02 15.59 8.74
C TYR A 281 1.72 15.05 7.51
N ASN A 282 2.41 15.92 6.77
CA ASN A 282 3.05 15.56 5.51
C ASN A 282 4.56 15.78 5.56
N TYR A 283 5.15 15.71 6.75
CA TYR A 283 6.59 15.91 6.92
C TYR A 283 7.31 14.54 6.88
N ASP A 284 8.06 14.22 5.81
CA ASP A 284 8.41 15.07 4.65
C ASP A 284 7.55 14.77 3.40
N LYS A 285 6.71 13.73 3.48
CA LYS A 285 5.76 13.32 2.43
C LYS A 285 4.65 12.46 3.04
N SER A 286 3.55 12.27 2.30
CA SER A 286 2.45 11.35 2.64
C SER A 286 2.22 10.50 1.40
N ILE A 287 2.24 9.18 1.54
CA ILE A 287 2.10 8.29 0.38
C ILE A 287 1.08 7.19 0.61
N VAL A 288 0.59 6.61 -0.48
CA VAL A 288 -0.32 5.47 -0.43
C VAL A 288 0.54 4.28 -0.90
N ASP A 289 0.91 3.39 0.06
CA ASP A 289 1.82 2.24 -0.17
C ASP A 289 1.25 0.85 0.26
N SER A 290 0.85 0.03 -0.73
CA SER A 290 0.31 -1.32 -0.51
C SER A 290 1.40 -2.33 -0.04
N GLY A 291 2.67 -1.95 -0.17
CA GLY A 291 3.79 -2.77 0.26
C GLY A 291 4.21 -2.48 1.70
N THR A 292 3.38 -1.71 2.45
CA THR A 292 3.58 -1.40 3.87
C THR A 292 2.36 -1.92 4.62
N THR A 293 2.56 -2.54 5.79
CA THR A 293 1.45 -3.07 6.59
C THR A 293 0.75 -1.98 7.41
N ASN A 294 1.54 -1.21 8.17
CA ASN A 294 1.07 -0.19 9.09
C ASN A 294 0.64 1.11 8.47
N LEU A 295 -0.05 1.90 9.29
CA LEU A 295 -0.31 3.31 9.06
C LEU A 295 0.95 3.94 9.73
N ARG A 296 1.86 4.46 8.94
CA ARG A 296 3.07 5.07 9.48
C ARG A 296 2.84 6.58 9.57
N LEU A 297 3.08 7.17 10.75
CA LEU A 297 2.88 8.60 10.96
C LEU A 297 4.18 9.29 11.34
N PRO A 298 4.38 10.57 10.93
CA PRO A 298 5.59 11.29 11.38
C PRO A 298 5.61 11.36 12.91
N LYS A 299 6.80 11.18 13.51
CA LYS A 299 7.07 11.18 14.94
C LYS A 299 6.19 12.12 15.78
N LYS A 300 6.16 13.43 15.44
CA LYS A 300 5.37 14.40 16.21
C LYS A 300 3.85 14.14 16.12
N VAL A 301 3.36 13.70 14.94
CA VAL A 301 1.96 13.37 14.70
C VAL A 301 1.58 12.07 15.45
N PHE A 302 2.48 11.07 15.41
CA PHE A 302 2.28 9.80 16.11
C PHE A 302 2.10 10.01 17.62
N GLU A 303 2.95 10.87 18.24
CA GLU A 303 2.91 11.19 19.66
C GLU A 303 1.56 11.75 20.06
N ALA A 304 1.03 12.70 19.25
CA ALA A 304 -0.28 13.32 19.49
C ALA A 304 -1.44 12.33 19.27
N ALA A 305 -1.31 11.47 18.25
CA ALA A 305 -2.32 10.44 17.94
C ALA A 305 -2.42 9.40 19.07
N VAL A 306 -1.27 8.86 19.54
CA VAL A 306 -1.20 7.88 20.62
C VAL A 306 -1.78 8.48 21.91
N LYS A 307 -1.40 9.72 22.25
CA LYS A 307 -1.88 10.48 23.42
C LYS A 307 -3.44 10.56 23.43
N SER A 308 -4.05 10.87 22.24
CA SER A 308 -5.50 10.95 22.06
CA SER A 308 -5.51 10.95 22.07
C SER A 308 -6.16 9.56 22.10
N ILE A 309 -5.55 8.56 21.45
CA ILE A 309 -6.04 7.16 21.42
C ILE A 309 -6.01 6.58 22.84
N LYS A 310 -4.92 6.85 23.60
CA LYS A 310 -4.76 6.44 25.01
C LYS A 310 -5.89 7.02 25.83
N ALA A 311 -6.19 8.32 25.66
CA ALA A 311 -7.25 9.05 26.36
C ALA A 311 -8.65 8.50 26.06
N ALA A 312 -8.95 8.21 24.78
CA ALA A 312 -10.25 7.67 24.35
C ALA A 312 -10.45 6.22 24.84
N SER A 313 -9.34 5.47 24.98
CA SER A 313 -9.38 4.09 25.44
C SER A 313 -8.93 3.92 26.92
N SER A 314 -8.99 4.97 27.71
CA SER A 314 -8.49 4.95 29.09
C SER A 314 -9.26 3.98 30.00
N THR A 315 -10.40 3.53 29.53
CA THR A 315 -11.20 2.56 30.23
C THR A 315 -10.42 1.27 30.48
N GLU A 316 -9.36 1.03 29.70
CA GLU A 316 -8.46 -0.10 29.89
C GLU A 316 -7.03 0.41 29.88
N LYS A 317 -6.12 -0.34 30.51
CA LYS A 317 -4.72 0.06 30.57
C LYS A 317 -3.85 -0.88 29.73
N PHE A 318 -2.75 -0.33 29.22
CA PHE A 318 -1.83 -1.12 28.41
C PHE A 318 -0.39 -0.59 28.54
N PRO A 319 0.59 -1.56 28.69
CA PRO A 319 1.95 -1.01 28.81
C PRO A 319 2.30 -0.09 27.64
N ASP A 320 3.30 0.77 27.83
CA ASP A 320 3.71 1.70 26.80
C ASP A 320 4.26 0.97 25.57
N GLY A 321 4.97 -0.13 25.83
CA GLY A 321 5.54 -0.92 24.77
C GLY A 321 4.49 -1.25 23.74
N PHE A 322 3.27 -1.46 24.18
CA PHE A 322 2.17 -1.82 23.26
C PHE A 322 1.92 -0.75 22.17
N TRP A 323 1.85 0.54 22.57
CA TRP A 323 1.62 1.68 21.67
C TRP A 323 2.85 1.93 20.80
N LEU A 324 4.01 1.39 21.21
CA LEU A 324 5.28 1.47 20.48
C LEU A 324 5.49 0.25 19.55
N GLY A 325 4.59 -0.74 19.62
CA GLY A 325 4.69 -1.97 18.84
C GLY A 325 5.87 -2.84 19.25
N GLU A 326 6.29 -2.71 20.53
CA GLU A 326 7.39 -3.44 21.16
C GLU A 326 6.88 -4.67 21.89
N GLN A 327 5.54 -4.75 22.07
CA GLN A 327 4.86 -5.87 22.71
C GLN A 327 3.43 -6.01 22.22
N LEU A 328 2.81 -7.17 22.50
CA LEU A 328 1.46 -7.51 22.08
C LEU A 328 0.44 -7.37 23.21
N VAL A 329 -0.87 -7.28 22.85
CA VAL A 329 -1.98 -7.22 23.80
C VAL A 329 -2.99 -8.35 23.52
N CYS A 330 -3.47 -9.00 24.55
CA CYS A 330 -4.31 -10.16 24.32
C CYS A 330 -5.61 -10.05 25.07
N TRP A 331 -6.65 -10.58 24.46
CA TRP A 331 -7.94 -10.71 25.11
C TRP A 331 -8.42 -12.11 24.88
N GLN A 332 -9.29 -12.56 25.77
CA GLN A 332 -9.88 -13.86 25.64
C GLN A 332 -10.70 -13.79 24.39
N ALA A 333 -10.87 -14.92 23.73
CA ALA A 333 -11.47 -14.93 22.40
C ALA A 333 -12.88 -14.46 22.32
N GLY A 334 -13.17 -13.68 21.29
CA GLY A 334 -14.49 -13.19 20.93
C GLY A 334 -14.98 -11.99 21.73
N THR A 335 -14.13 -11.47 22.60
CA THR A 335 -14.54 -10.42 23.51
C THR A 335 -13.82 -9.09 23.38
N THR A 336 -13.10 -8.86 22.29
CA THR A 336 -12.25 -7.69 22.20
C THR A 336 -13.13 -6.45 22.33
N PRO A 337 -12.66 -5.47 23.09
CA PRO A 337 -13.47 -4.27 23.35
C PRO A 337 -13.25 -3.17 22.29
N TRP A 338 -13.79 -3.41 21.07
CA TRP A 338 -13.72 -2.51 19.90
C TRP A 338 -14.23 -1.10 20.18
N ASN A 339 -15.37 -0.99 20.90
CA ASN A 339 -16.03 0.29 21.22
C ASN A 339 -15.20 1.23 22.11
N ILE A 340 -14.27 0.70 22.87
CA ILE A 340 -13.41 1.51 23.67
C ILE A 340 -12.38 2.18 22.80
N PHE A 341 -12.20 1.67 21.60
CA PHE A 341 -11.20 2.21 20.72
C PHE A 341 -11.78 3.22 19.76
N PRO A 342 -11.00 4.35 19.57
CA PRO A 342 -11.62 5.37 18.73
C PRO A 342 -11.45 5.18 17.24
N VAL A 343 -12.25 5.92 16.53
CA VAL A 343 -12.19 6.02 15.11
C VAL A 343 -11.05 6.99 14.71
N ILE A 344 -10.45 6.79 13.56
CA ILE A 344 -9.42 7.68 13.09
C ILE A 344 -9.77 8.28 11.74
N SER A 345 -9.71 9.59 11.63
CA SER A 345 -10.10 10.29 10.40
C SER A 345 -8.97 11.09 9.81
N LEU A 346 -8.76 10.89 8.51
CA LEU A 346 -7.77 11.65 7.75
C LEU A 346 -8.52 12.48 6.71
N TYR A 347 -8.35 13.80 6.74
CA TYR A 347 -8.96 14.64 5.71
C TYR A 347 -7.91 14.83 4.64
N LEU A 348 -8.31 14.65 3.39
CA LEU A 348 -7.39 14.75 2.26
C LEU A 348 -7.78 15.88 1.38
N MET A 349 -6.79 16.47 0.68
CA MET A 349 -7.02 17.55 -0.27
C MET A 349 -7.99 17.03 -1.36
N GLY A 350 -9.03 17.79 -1.65
CA GLY A 350 -9.99 17.41 -2.67
C GLY A 350 -9.59 17.90 -4.05
N GLU A 351 -10.44 17.67 -5.01
CA GLU A 351 -10.29 18.14 -6.38
C GLU A 351 -10.34 19.64 -6.57
N VAL A 352 -11.14 20.32 -5.78
CA VAL A 352 -11.36 21.74 -6.04
C VAL A 352 -10.82 22.57 -4.85
N THR A 353 -10.42 23.81 -5.16
CA THR A 353 -9.87 24.81 -4.22
C THR A 353 -10.77 24.90 -2.99
N ASN A 354 -10.13 24.84 -1.82
CA ASN A 354 -10.76 24.93 -0.51
C ASN A 354 -11.72 23.77 -0.18
N GLN A 355 -11.65 22.65 -0.89
CA GLN A 355 -12.52 21.50 -0.62
C GLN A 355 -11.73 20.24 -0.24
N SER A 356 -12.13 19.56 0.84
CA SER A 356 -11.53 18.30 1.25
C SER A 356 -12.62 17.25 1.44
N PHE A 357 -12.19 16.03 1.73
CA PHE A 357 -13.09 14.95 2.10
C PHE A 357 -12.36 14.20 3.22
N ARG A 358 -13.07 13.38 3.97
CA ARG A 358 -12.38 12.61 4.98
C ARG A 358 -12.59 11.10 4.82
N ILE A 359 -11.56 10.34 5.18
CA ILE A 359 -11.61 8.87 5.21
C ILE A 359 -11.52 8.52 6.69
N THR A 360 -12.38 7.60 7.15
CA THR A 360 -12.40 7.18 8.56
C THR A 360 -12.14 5.70 8.69
N ILE A 361 -11.21 5.31 9.54
CA ILE A 361 -10.99 3.90 9.81
C ILE A 361 -11.22 3.57 11.27
N LEU A 362 -11.45 2.30 11.51
CA LEU A 362 -11.88 1.70 12.77
C LEU A 362 -10.73 0.94 13.44
N PRO A 363 -10.87 0.56 14.75
CA PRO A 363 -9.83 -0.28 15.38
C PRO A 363 -9.64 -1.64 14.70
N GLN A 364 -10.66 -2.11 13.93
CA GLN A 364 -10.58 -3.34 13.14
C GLN A 364 -9.49 -3.21 12.07
N GLN A 365 -9.17 -1.97 11.65
CA GLN A 365 -8.11 -1.73 10.69
C GLN A 365 -6.75 -1.56 11.34
N TYR A 366 -6.68 -0.77 12.41
CA TYR A 366 -5.42 -0.53 13.12
C TYR A 366 -4.98 -1.49 14.23
N LEU A 367 -5.85 -2.40 14.61
CA LEU A 367 -5.43 -3.47 15.49
C LEU A 367 -5.33 -4.78 14.73
N ARG A 368 -4.11 -5.27 14.57
CA ARG A 368 -3.84 -6.35 13.66
C ARG A 368 -3.71 -7.62 14.41
N PRO A 369 -4.54 -8.61 14.08
CA PRO A 369 -4.47 -9.91 14.73
C PRO A 369 -3.13 -10.62 14.52
N VAL A 370 -2.58 -11.21 15.57
CA VAL A 370 -1.42 -12.08 15.44
C VAL A 370 -1.78 -13.51 15.80
N GLU A 371 -1.64 -14.42 14.86
CA GLU A 371 -2.19 -15.77 15.00
C GLU A 371 -1.09 -16.72 15.40
N ASP A 379 -7.38 -13.97 21.60
CA ASP A 379 -7.32 -13.10 20.42
C ASP A 379 -6.22 -12.06 20.66
N CYS A 380 -4.99 -12.34 20.20
CA CYS A 380 -3.86 -11.43 20.38
C CYS A 380 -3.71 -10.46 19.18
N TYR A 381 -3.50 -9.18 19.48
CA TYR A 381 -3.41 -8.11 18.47
C TYR A 381 -2.16 -7.26 18.65
N LYS A 382 -1.67 -6.70 17.53
CA LYS A 382 -0.56 -5.76 17.49
C LYS A 382 -1.14 -4.38 17.12
N PHE A 383 -0.64 -3.31 17.76
CA PHE A 383 -1.02 -1.94 17.43
C PHE A 383 -0.30 -1.64 16.12
N ALA A 384 -1.09 -1.49 15.05
CA ALA A 384 -0.55 -1.31 13.70
C ALA A 384 -0.42 0.15 13.24
N ILE A 385 -0.28 1.08 14.20
CA ILE A 385 0.01 2.49 13.89
C ILE A 385 1.42 2.69 14.42
N SER A 386 2.35 3.18 13.59
CA SER A 386 3.72 3.32 14.06
C SER A 386 4.40 4.62 13.63
N GLN A 387 5.46 4.95 14.35
CA GLN A 387 6.33 6.09 14.14
C GLN A 387 7.07 5.95 12.81
N SER A 388 7.41 7.07 12.19
CA SER A 388 8.09 7.09 10.90
C SER A 388 9.02 8.29 10.81
N SER A 389 10.11 8.14 10.02
CA SER A 389 11.02 9.26 9.76
C SER A 389 11.03 9.61 8.26
N THR A 390 10.18 8.92 7.47
CA THR A 390 10.04 9.12 6.01
C THR A 390 8.66 9.73 5.61
N GLY A 391 7.90 10.21 6.61
CA GLY A 391 6.58 10.80 6.43
C GLY A 391 5.44 9.83 6.64
N THR A 392 4.20 10.25 6.27
CA THR A 392 3.01 9.41 6.40
C THR A 392 3.01 8.30 5.37
N VAL A 393 2.72 7.07 5.83
CA VAL A 393 2.57 5.95 4.92
C VAL A 393 1.18 5.39 5.12
N MET A 394 0.34 5.49 4.11
CA MET A 394 -1.00 4.91 4.15
C MET A 394 -0.86 3.48 3.61
N GLY A 395 -0.52 2.59 4.53
CA GLY A 395 -0.32 1.18 4.27
C GLY A 395 -1.60 0.39 4.27
N ALA A 396 -1.48 -0.94 4.42
CA ALA A 396 -2.57 -1.89 4.47
C ALA A 396 -3.65 -1.55 5.51
N VAL A 397 -3.31 -0.96 6.69
CA VAL A 397 -4.34 -0.61 7.69
C VAL A 397 -5.30 0.44 7.11
N ILE A 398 -4.81 1.38 6.28
CA ILE A 398 -5.67 2.34 5.63
C ILE A 398 -6.40 1.67 4.45
N MET A 399 -5.68 1.00 3.58
CA MET A 399 -6.21 0.42 2.36
C MET A 399 -7.26 -0.66 2.50
N GLU A 400 -7.19 -1.42 3.57
CA GLU A 400 -8.16 -2.45 3.86
C GLU A 400 -9.59 -1.96 4.09
N GLY A 401 -9.75 -0.77 4.64
CA GLY A 401 -11.05 -0.13 4.72
C GLY A 401 -11.75 0.35 3.47
N PHE A 402 -10.98 0.50 2.43
CA PHE A 402 -11.32 1.28 1.22
C PHE A 402 -11.01 0.61 -0.11
N TYR A 403 -11.76 1.00 -1.13
CA TYR A 403 -11.51 0.64 -2.51
C TYR A 403 -10.64 1.80 -3.04
N VAL A 404 -9.41 1.51 -3.49
CA VAL A 404 -8.50 2.59 -3.87
C VAL A 404 -8.23 2.62 -5.37
N VAL A 405 -8.51 3.77 -6.00
CA VAL A 405 -8.35 3.95 -7.43
C VAL A 405 -7.13 4.78 -7.72
N PHE A 406 -6.16 4.20 -8.45
CA PHE A 406 -4.94 4.90 -8.79
C PHE A 406 -5.12 5.39 -10.21
N ASP A 407 -5.74 6.55 -10.31
CA ASP A 407 -6.13 7.18 -11.56
C ASP A 407 -4.95 8.00 -12.15
N ARG A 408 -3.98 7.27 -12.75
CA ARG A 408 -2.76 7.82 -13.34
C ARG A 408 -3.02 8.78 -14.49
N ALA A 409 -4.09 8.52 -15.28
CA ALA A 409 -4.49 9.35 -16.42
C ALA A 409 -4.96 10.73 -15.97
N ARG A 410 -5.61 10.81 -14.80
CA ARG A 410 -6.13 12.06 -14.24
C ARG A 410 -5.29 12.58 -13.04
N LYS A 411 -4.12 11.95 -12.75
CA LYS A 411 -3.19 12.35 -11.67
C LYS A 411 -3.93 12.52 -10.32
N ARG A 412 -4.73 11.51 -9.97
CA ARG A 412 -5.54 11.54 -8.75
C ARG A 412 -5.74 10.15 -8.17
N ILE A 413 -6.09 10.08 -6.90
CA ILE A 413 -6.36 8.82 -6.22
C ILE A 413 -7.78 8.88 -5.64
N GLY A 414 -8.57 7.88 -5.96
CA GLY A 414 -9.94 7.77 -5.48
C GLY A 414 -10.08 6.85 -4.28
N PHE A 415 -10.98 7.22 -3.37
CA PHE A 415 -11.29 6.43 -2.20
C PHE A 415 -12.80 6.24 -2.08
N ALA A 416 -13.23 5.03 -1.76
CA ALA A 416 -14.63 4.68 -1.49
C ALA A 416 -14.63 3.58 -0.47
N VAL A 417 -15.69 3.48 0.32
CA VAL A 417 -15.83 2.43 1.32
C VAL A 417 -15.80 1.06 0.62
N SER A 418 -14.91 0.17 1.08
CA SER A 418 -14.77 -1.19 0.57
C SER A 418 -15.97 -2.05 0.95
N ALA A 419 -16.46 -2.86 0.02
CA ALA A 419 -17.59 -3.75 0.27
C ALA A 419 -17.15 -4.97 1.13
N CYS A 420 -15.81 -5.17 1.27
CA CYS A 420 -15.22 -6.27 2.03
C CYS A 420 -14.55 -5.83 3.37
N HIS A 421 -14.68 -4.58 3.76
CA HIS A 421 -14.02 -4.17 4.94
C HIS A 421 -14.56 -4.80 6.24
N VAL A 422 -13.66 -5.04 7.16
CA VAL A 422 -14.06 -5.70 8.42
C VAL A 422 -14.56 -4.63 9.41
N HIS A 423 -15.77 -4.85 9.94
CA HIS A 423 -16.42 -3.92 10.86
C HIS A 423 -17.36 -4.67 11.81
N ASP A 424 -18.12 -3.92 12.62
CA ASP A 424 -19.11 -4.43 13.56
C ASP A 424 -20.50 -3.83 13.24
N GLU A 425 -21.46 -4.03 14.13
CA GLU A 425 -22.84 -3.54 13.94
C GLU A 425 -23.01 -2.05 14.33
N PHE A 426 -22.03 -1.49 15.05
CA PHE A 426 -22.04 -0.12 15.58
C PHE A 426 -21.33 0.91 14.70
N ARG A 427 -20.15 0.55 14.17
CA ARG A 427 -19.36 1.47 13.36
C ARG A 427 -18.88 0.81 12.07
N THR A 428 -18.72 1.65 11.05
CA THR A 428 -18.32 1.29 9.70
C THR A 428 -17.26 2.29 9.21
N ALA A 429 -16.31 1.85 8.32
CA ALA A 429 -15.34 2.76 7.70
C ALA A 429 -16.13 3.76 6.81
N ALA A 430 -15.65 4.99 6.65
CA ALA A 430 -16.40 5.98 5.89
C ALA A 430 -15.57 6.86 5.02
N VAL A 431 -16.18 7.35 3.93
CA VAL A 431 -15.61 8.32 3.00
C VAL A 431 -16.67 9.40 2.88
N GLU A 432 -16.44 10.55 3.55
CA GLU A 432 -17.42 11.64 3.59
C GLU A 432 -16.88 12.96 3.04
N GLY A 433 -17.76 13.75 2.44
CA GLY A 433 -17.42 15.06 1.89
C GLY A 433 -18.63 15.81 1.32
N PRO A 434 -18.43 17.03 0.82
CA PRO A 434 -17.19 17.81 0.87
C PRO A 434 -17.10 18.60 2.17
N PHE A 435 -15.88 18.98 2.54
CA PHE A 435 -15.62 19.81 3.71
C PHE A 435 -14.91 21.07 3.25
N VAL A 436 -15.01 22.14 4.01
CA VAL A 436 -14.34 23.35 3.66
C VAL A 436 -13.09 23.49 4.48
N THR A 437 -11.97 23.42 3.80
CA THR A 437 -10.70 23.66 4.44
C THR A 437 -9.84 24.61 3.63
N LEU A 438 -9.33 25.61 4.30
CA LEU A 438 -8.52 26.65 3.71
C LEU A 438 -7.03 26.39 3.86
N ASP A 439 -6.26 26.91 2.91
CA ASP A 439 -4.82 26.82 2.88
C ASP A 439 -4.28 25.40 2.77
N MET A 440 -4.95 24.58 2.00
CA MET A 440 -4.56 23.19 1.86
C MET A 440 -3.17 23.01 1.24
N GLU A 441 -2.82 23.83 0.28
CA GLU A 441 -1.49 23.82 -0.36
C GLU A 441 -0.32 24.13 0.59
N ASP A 442 -0.59 24.90 1.61
CA ASP A 442 0.36 25.19 2.65
C ASP A 442 0.69 23.94 3.45
N CYS A 443 0.04 22.84 3.15
CA CYS A 443 0.21 21.65 3.92
C CYS A 443 1.28 20.78 3.34
N GLY A 444 1.60 20.95 2.08
CA GLY A 444 2.66 20.21 1.48
C GLY A 444 4.01 20.65 1.98
N TYR A 445 4.91 19.71 2.13
CA TYR A 445 6.23 20.02 2.57
C TYR A 445 7.13 20.29 1.40
N ASN A 446 7.92 21.35 1.51
CA ASN A 446 8.85 21.73 0.46
C ASN A 446 10.22 22.07 1.03
N ILE A 447 11.26 21.42 0.50
CA ILE A 447 12.62 21.65 0.95
C ILE A 447 12.94 23.15 1.03
N PRO A 448 13.42 23.60 2.24
CA PRO A 448 13.71 25.05 2.27
C PRO A 448 14.65 25.45 1.13
#